data_4X0E
#
_entry.id   4X0E
#
_cell.length_a   67.650
_cell.length_b   67.650
_cell.length_c   187.366
_cell.angle_alpha   90.00
_cell.angle_beta   90.00
_cell.angle_gamma   120.00
#
_symmetry.space_group_name_H-M   'P 31 2 1'
#
loop_
_entity.id
_entity.type
_entity.pdbx_description
1 polymer 'Probable nicotinate-nucleotide adenylyltransferase'
2 non-polymer 'SULFATE ION'
3 non-polymer '2-(N-MORPHOLINO)-ETHANESULFONIC ACID'
4 water water
#
_entity_poly.entity_id   1
_entity_poly.type   'polypeptide(L)'
_entity_poly.pdbx_seq_one_letter_code
;MHGRRLGVMGGTFDPIHYGHLVAASEVADLFDLDEVVFVPSGQPWQKGRQVSAAEHRYLMTVIATASNPRFSVSRVDIDR
GGPTYTKDTLADLHALHPDSELYFTTGADALASIMSWQGWEELFELARFVGVSRPGYELRNEHITSLLGQLAKDALTLVE
IPALAISSTDCRQRAEQSRPLWYLMPDGVVQYVSKCRLYCGACDAGARSTTSLAAGNGL
;
_entity_poly.pdbx_strand_id   A,B
#
loop_
_chem_comp.id
_chem_comp.type
_chem_comp.name
_chem_comp.formula
MES non-polymer '2-(N-MORPHOLINO)-ETHANESULFONIC ACID' 'C6 H13 N O4 S'
SO4 non-polymer 'SULFATE ION' 'O4 S -2'
#
# COMPACT_ATOMS: atom_id res chain seq x y z
N ARG A 5 -11.45 22.93 7.27
CA ARG A 5 -10.65 22.31 6.16
C ARG A 5 -11.16 20.92 5.80
N LEU A 6 -11.67 20.79 4.57
CA LEU A 6 -12.28 19.56 4.09
C LEU A 6 -11.59 19.06 2.83
N GLY A 7 -11.08 17.83 2.86
CA GLY A 7 -10.53 17.19 1.68
C GLY A 7 -11.60 16.65 0.75
N VAL A 8 -11.33 16.70 -0.56
CA VAL A 8 -12.19 16.12 -1.58
C VAL A 8 -11.34 15.20 -2.46
N MET A 9 -11.67 13.92 -2.47
CA MET A 9 -10.87 12.92 -3.17
C MET A 9 -11.60 12.34 -4.39
N GLY A 10 -11.20 12.78 -5.59
CA GLY A 10 -11.60 12.13 -6.83
C GLY A 10 -10.53 11.15 -7.29
N GLY A 11 -10.89 10.07 -7.98
CA GLY A 11 -12.26 9.86 -8.45
C GLY A 11 -12.66 8.49 -8.97
N THR A 12 -11.86 7.80 -9.76
CA THR A 12 -12.37 6.59 -10.44
C THR A 12 -12.59 5.42 -9.48
N PHE A 13 -11.55 5.07 -8.71
CA PHE A 13 -11.66 4.02 -7.69
C PHE A 13 -12.21 2.73 -8.29
N ASP A 14 -11.44 2.18 -9.23
CA ASP A 14 -11.85 1.03 -10.03
C ASP A 14 -10.70 0.04 -10.23
N PRO A 15 -10.25 -0.61 -9.15
CA PRO A 15 -10.83 -0.51 -7.83
C PRO A 15 -10.05 0.42 -6.91
N ILE A 16 -10.68 0.78 -5.80
CA ILE A 16 -9.99 1.47 -4.72
C ILE A 16 -9.00 0.49 -4.09
N HIS A 17 -7.88 1.00 -3.59
CA HIS A 17 -6.86 0.16 -2.98
C HIS A 17 -6.15 0.94 -1.87
N TYR A 18 -5.22 0.29 -1.17
CA TYR A 18 -4.60 0.93 0.00
C TYR A 18 -3.88 2.22 -0.36
N GLY A 19 -3.25 2.25 -1.52
CA GLY A 19 -2.62 3.46 -2.06
C GLY A 19 -3.49 4.69 -2.03
N HIS A 20 -4.74 4.56 -2.48
CA HIS A 20 -5.71 5.64 -2.39
C HIS A 20 -5.96 6.03 -0.94
N LEU A 21 -6.13 5.01 -0.09
CA LEU A 21 -6.45 5.22 1.31
C LEU A 21 -5.26 5.76 2.08
N VAL A 22 -4.06 5.30 1.75
CA VAL A 22 -2.84 5.90 2.28
C VAL A 22 -2.77 7.37 1.85
N ALA A 23 -3.05 7.64 0.58
CA ALA A 23 -2.99 9.01 0.04
C ALA A 23 -3.97 9.94 0.73
N ALA A 24 -5.17 9.47 1.00
CA ALA A 24 -6.17 10.25 1.71
C ALA A 24 -5.71 10.63 3.12
N SER A 25 -5.11 9.67 3.82
CA SER A 25 -4.69 9.86 5.20
C SER A 25 -3.49 10.80 5.28
N GLU A 26 -2.49 10.56 4.44
CA GLU A 26 -1.30 11.43 4.37
C GLU A 26 -1.73 12.86 4.11
N VAL A 27 -2.46 13.07 3.01
CA VAL A 27 -2.90 14.40 2.62
C VAL A 27 -3.78 15.06 3.69
N ALA A 28 -4.45 14.27 4.53
CA ALA A 28 -5.22 14.83 5.64
C ALA A 28 -4.32 15.20 6.83
N ASP A 29 -3.32 14.38 7.11
CA ASP A 29 -2.33 14.73 8.12
C ASP A 29 -1.60 16.01 7.68
N LEU A 30 -1.01 15.98 6.48
CA LEU A 30 -0.55 17.20 5.84
C LEU A 30 -1.80 18.03 5.63
N PHE A 31 -1.73 19.34 5.76
CA PHE A 31 -2.89 20.21 5.55
C PHE A 31 -3.98 20.16 6.65
N ASP A 32 -3.83 19.27 7.62
CA ASP A 32 -4.72 19.21 8.78
C ASP A 32 -6.19 19.30 8.38
N LEU A 33 -6.61 18.36 7.53
CA LEU A 33 -7.99 18.31 7.07
C LEU A 33 -8.82 17.61 8.13
N ASP A 34 -10.04 18.11 8.33
CA ASP A 34 -10.94 17.56 9.36
C ASP A 34 -11.62 16.29 8.88
N GLU A 35 -11.84 16.22 7.57
CA GLU A 35 -12.56 15.12 6.95
C GLU A 35 -12.14 14.99 5.49
N VAL A 36 -12.32 13.80 4.93
CA VAL A 36 -12.08 13.57 3.52
C VAL A 36 -13.30 12.92 2.89
N VAL A 37 -13.88 13.61 1.91
CA VAL A 37 -15.00 13.07 1.17
C VAL A 37 -14.46 12.46 -0.11
N PHE A 38 -14.70 11.17 -0.28
CA PHE A 38 -14.34 10.47 -1.50
C PHE A 38 -15.46 10.69 -2.47
N VAL A 39 -15.11 11.01 -3.71
CA VAL A 39 -16.09 11.26 -4.76
C VAL A 39 -15.76 10.40 -5.97
N PRO A 40 -16.43 9.23 -6.08
CA PRO A 40 -16.25 8.43 -7.29
C PRO A 40 -16.76 9.17 -8.54
N SER A 41 -15.98 9.15 -9.60
CA SER A 41 -16.26 9.94 -10.80
C SER A 41 -17.48 9.40 -11.53
N GLY A 42 -18.11 10.24 -12.35
CA GLY A 42 -19.28 9.84 -13.13
C GLY A 42 -18.86 9.09 -14.38
N GLN A 43 -19.63 9.28 -15.46
CA GLN A 43 -19.31 8.66 -16.75
C GLN A 43 -17.88 9.04 -17.19
N PRO A 44 -17.23 8.18 -17.98
CA PRO A 44 -15.90 8.54 -18.48
C PRO A 44 -15.95 9.65 -19.52
N TRP A 45 -14.81 10.32 -19.74
CA TRP A 45 -14.73 11.39 -20.74
C TRP A 45 -14.41 10.90 -22.16
N GLN A 46 -14.04 9.62 -22.29
CA GLN A 46 -13.96 8.96 -23.58
C GLN A 46 -15.02 7.85 -23.63
N LYS A 47 -15.91 7.90 -24.62
CA LYS A 47 -16.99 6.90 -24.76
C LYS A 47 -16.40 5.54 -25.07
N GLN A 50 -13.75 2.11 -21.04
CA GLN A 50 -14.53 1.00 -20.49
C GLN A 50 -14.17 0.75 -19.03
N VAL A 51 -15.09 1.09 -18.14
CA VAL A 51 -14.87 1.01 -16.70
C VAL A 51 -16.07 0.34 -16.02
N SER A 52 -15.93 0.04 -14.73
CA SER A 52 -17.00 -0.59 -13.98
C SER A 52 -18.15 0.38 -13.76
N ALA A 53 -19.32 -0.17 -13.46
CA ALA A 53 -20.50 0.64 -13.21
C ALA A 53 -20.31 1.52 -11.98
N ALA A 54 -20.88 2.72 -12.04
CA ALA A 54 -20.80 3.69 -10.96
C ALA A 54 -21.10 3.12 -9.56
N GLU A 55 -22.15 2.31 -9.44
CA GLU A 55 -22.51 1.72 -8.15
C GLU A 55 -21.46 0.77 -7.63
N HIS A 56 -20.84 0.00 -8.52
CA HIS A 56 -19.73 -0.87 -8.12
C HIS A 56 -18.59 -0.06 -7.49
N ARG A 57 -18.25 1.04 -8.14
CA ARG A 57 -17.12 1.87 -7.73
C ARG A 57 -17.47 2.65 -6.46
N TYR A 58 -18.71 3.09 -6.39
CA TYR A 58 -19.24 3.71 -5.19
C TYR A 58 -19.19 2.76 -3.98
N LEU A 59 -19.70 1.55 -4.17
CA LEU A 59 -19.80 0.59 -3.07
C LEU A 59 -18.44 0.07 -2.62
N MET A 60 -17.51 -0.11 -3.55
CA MET A 60 -16.14 -0.42 -3.21
C MET A 60 -15.52 0.70 -2.36
N THR A 61 -15.81 1.94 -2.73
CA THR A 61 -15.28 3.09 -2.02
C THR A 61 -15.88 3.19 -0.62
N VAL A 62 -17.17 2.87 -0.50
CA VAL A 62 -17.87 2.89 0.78
C VAL A 62 -17.37 1.77 1.70
N ILE A 63 -17.20 0.58 1.15
CA ILE A 63 -16.65 -0.56 1.89
C ILE A 63 -15.27 -0.23 2.44
N ALA A 64 -14.41 0.33 1.60
CA ALA A 64 -13.03 0.61 1.96
C ALA A 64 -12.91 1.69 3.02
N THR A 65 -13.83 2.64 3.02
CA THR A 65 -13.70 3.84 3.86
C THR A 65 -14.59 3.80 5.09
N ALA A 66 -15.53 2.88 5.13
CA ALA A 66 -16.54 2.81 6.19
C ALA A 66 -15.93 2.95 7.57
N SER A 67 -14.85 2.21 7.81
CA SER A 67 -14.31 2.05 9.14
C SER A 67 -13.52 3.29 9.60
N ASN A 68 -13.22 4.20 8.67
CA ASN A 68 -12.53 5.44 9.02
C ASN A 68 -13.51 6.54 9.41
N PRO A 69 -13.48 7.00 10.68
CA PRO A 69 -14.34 8.09 11.17
C PRO A 69 -14.24 9.40 10.40
N ARG A 70 -13.08 9.67 9.79
CA ARG A 70 -12.84 10.93 9.11
C ARG A 70 -12.95 10.84 7.60
N PHE A 71 -13.38 9.69 7.07
CA PHE A 71 -13.64 9.52 5.65
C PHE A 71 -15.15 9.38 5.39
N SER A 72 -15.61 9.88 4.26
CA SER A 72 -16.96 9.62 3.79
C SER A 72 -16.94 9.44 2.29
N VAL A 73 -18.08 9.05 1.73
CA VAL A 73 -18.23 8.92 0.30
C VAL A 73 -19.45 9.71 -0.17
N SER A 74 -19.26 10.51 -1.22
CA SER A 74 -20.33 11.29 -1.82
C SER A 74 -20.64 10.78 -3.22
N ARG A 75 -21.90 10.89 -3.62
CA ARG A 75 -22.37 10.48 -4.94
C ARG A 75 -22.76 11.70 -5.77
N VAL A 76 -22.13 12.83 -5.47
CA VAL A 76 -22.39 14.10 -6.15
C VAL A 76 -22.11 14.01 -7.66
N ASP A 77 -21.01 13.34 -8.02
CA ASP A 77 -20.67 13.10 -9.43
C ASP A 77 -21.52 12.00 -10.05
N ILE A 78 -21.80 10.96 -9.28
CA ILE A 78 -22.57 9.81 -9.75
C ILE A 78 -24.02 10.20 -10.07
N ASP A 79 -24.64 10.93 -9.15
CA ASP A 79 -26.04 11.34 -9.28
C ASP A 79 -26.27 12.38 -10.37
N ARG A 80 -25.24 13.14 -10.70
CA ARG A 80 -25.38 14.23 -11.67
C ARG A 80 -25.66 13.74 -13.09
N GLY A 81 -25.12 12.57 -13.43
CA GLY A 81 -25.24 12.04 -14.79
C GLY A 81 -24.24 12.71 -15.73
N GLY A 82 -23.88 12.00 -16.78
CA GLY A 82 -22.85 12.48 -17.71
C GLY A 82 -21.45 12.35 -17.13
N PRO A 83 -20.44 12.85 -17.86
CA PRO A 83 -19.04 12.75 -17.41
C PRO A 83 -18.67 13.60 -16.19
N THR A 84 -19.35 14.74 -16.03
CA THR A 84 -19.21 15.61 -14.83
C THR A 84 -17.91 16.42 -14.78
N TYR A 85 -18.07 17.72 -14.58
CA TYR A 85 -16.94 18.63 -14.44
C TYR A 85 -16.57 18.75 -12.96
N THR A 86 -15.27 18.75 -12.67
CA THR A 86 -14.75 18.97 -11.32
C THR A 86 -15.33 20.24 -10.69
N LYS A 87 -15.46 21.29 -11.50
CA LYS A 87 -16.04 22.56 -11.07
C LYS A 87 -17.36 22.35 -10.31
N ASP A 88 -18.21 21.48 -10.84
CA ASP A 88 -19.50 21.19 -10.23
C ASP A 88 -19.37 20.42 -8.91
N THR A 89 -18.44 19.46 -8.87
CA THR A 89 -18.14 18.70 -7.65
C THR A 89 -17.92 19.64 -6.48
N LEU A 90 -17.06 20.64 -6.72
CA LEU A 90 -16.69 21.60 -5.69
C LEU A 90 -17.84 22.54 -5.36
N ALA A 91 -18.58 22.93 -6.39
CA ALA A 91 -19.79 23.75 -6.18
C ALA A 91 -20.76 23.04 -5.26
N ASP A 92 -21.06 21.79 -5.59
CA ASP A 92 -21.95 20.97 -4.78
C ASP A 92 -21.41 20.71 -3.38
N LEU A 93 -20.10 20.47 -3.29
CA LEU A 93 -19.45 20.22 -2.00
C LEU A 93 -19.22 21.50 -1.18
N HIS A 94 -19.20 22.66 -1.84
CA HIS A 94 -19.16 23.94 -1.12
C HIS A 94 -20.54 24.26 -0.54
N ALA A 95 -21.59 23.91 -1.27
CA ALA A 95 -22.97 24.10 -0.83
C ALA A 95 -23.29 23.31 0.44
N LEU A 96 -22.79 22.07 0.51
CA LEU A 96 -23.02 21.20 1.67
C LEU A 96 -22.02 21.44 2.81
N HIS A 97 -20.87 22.03 2.48
CA HIS A 97 -19.86 22.36 3.49
C HIS A 97 -19.41 23.82 3.32
N PRO A 98 -20.31 24.79 3.60
CA PRO A 98 -19.98 26.21 3.49
C PRO A 98 -19.02 26.67 4.58
N ASP A 99 -19.02 25.96 5.70
CA ASP A 99 -18.07 26.18 6.80
C ASP A 99 -16.59 26.05 6.39
N SER A 100 -16.27 25.10 5.52
CA SER A 100 -14.88 24.68 5.30
C SER A 100 -14.32 25.10 3.94
N GLU A 101 -13.02 25.38 3.91
CA GLU A 101 -12.32 25.61 2.64
C GLU A 101 -11.91 24.23 2.08
N LEU A 102 -12.10 24.06 0.77
CA LEU A 102 -11.94 22.75 0.13
C LEU A 102 -10.52 22.50 -0.34
N TYR A 103 -10.13 21.23 -0.34
CA TYR A 103 -8.84 20.78 -0.88
C TYR A 103 -9.07 19.60 -1.80
N PHE A 104 -9.31 19.87 -3.08
CA PHE A 104 -9.48 18.78 -4.05
C PHE A 104 -8.16 18.04 -4.21
N THR A 105 -8.24 16.71 -4.22
CA THR A 105 -7.05 15.89 -4.38
C THR A 105 -7.35 14.69 -5.27
N THR A 106 -6.37 14.32 -6.09
CA THR A 106 -6.52 13.25 -7.05
C THR A 106 -5.15 12.82 -7.54
N GLY A 107 -5.12 11.77 -8.36
CA GLY A 107 -3.86 11.31 -8.95
C GLY A 107 -3.27 12.35 -9.88
N ALA A 108 -1.95 12.35 -10.01
CA ALA A 108 -1.24 13.33 -10.84
C ALA A 108 -1.77 13.38 -12.27
N ASP A 109 -2.00 12.21 -12.86
CA ASP A 109 -2.45 12.11 -14.26
C ASP A 109 -3.91 12.54 -14.44
N ALA A 110 -4.76 12.22 -13.47
CA ALA A 110 -6.15 12.65 -13.47
C ALA A 110 -6.26 14.17 -13.34
N LEU A 111 -5.37 14.75 -12.54
CA LEU A 111 -5.32 16.20 -12.33
C LEU A 111 -4.92 16.92 -13.61
N ALA A 112 -3.93 16.36 -14.30
CA ALA A 112 -3.48 16.91 -15.57
C ALA A 112 -4.49 16.69 -16.71
N SER A 113 -5.63 16.09 -16.40
CA SER A 113 -6.75 15.94 -17.34
C SER A 113 -7.96 16.80 -16.96
N ILE A 114 -7.89 17.48 -15.82
CA ILE A 114 -8.96 18.36 -15.34
C ILE A 114 -8.67 19.83 -15.67
N MET A 115 -7.39 20.21 -15.62
CA MET A 115 -6.96 21.61 -15.77
C MET A 115 -7.16 22.44 -17.07
N SER A 116 -6.88 22.00 -18.31
CA SER A 116 -6.75 20.64 -18.88
C SER A 116 -8.10 20.12 -19.40
N TRP A 117 -8.90 21.04 -19.95
CA TRP A 117 -10.26 20.81 -20.49
C TRP A 117 -11.31 21.67 -19.77
N GLN A 118 -10.95 22.25 -18.63
CA GLN A 118 -11.84 23.12 -17.88
C GLN A 118 -11.17 24.49 -17.64
N GLY A 119 -11.81 25.36 -16.86
CA GLY A 119 -11.35 26.74 -16.71
C GLY A 119 -10.06 26.95 -15.94
N TRP A 120 -9.77 26.06 -15.00
CA TRP A 120 -8.65 26.18 -14.03
C TRP A 120 -8.56 27.51 -13.26
N GLU A 121 -8.56 28.64 -13.94
CA GLU A 121 -8.52 29.93 -13.27
C GLU A 121 -9.67 30.06 -12.26
N GLU A 122 -10.87 29.62 -12.68
CA GLU A 122 -12.05 29.61 -11.83
C GLU A 122 -12.08 28.39 -10.91
N LEU A 123 -11.42 27.31 -11.33
CA LEU A 123 -11.31 26.08 -10.53
C LEU A 123 -10.46 26.31 -9.27
N PHE A 124 -9.36 27.07 -9.39
CA PHE A 124 -8.52 27.40 -8.23
C PHE A 124 -9.12 28.45 -7.29
N GLU A 125 -10.15 29.17 -7.75
CA GLU A 125 -10.94 30.03 -6.86
C GLU A 125 -11.74 29.20 -5.85
N LEU A 126 -12.15 28.00 -6.25
CA LEU A 126 -13.00 27.14 -5.41
C LEU A 126 -12.25 26.24 -4.42
N ALA A 127 -10.97 25.97 -4.68
CA ALA A 127 -10.19 25.08 -3.81
C ALA A 127 -8.68 25.16 -4.06
N ARG A 128 -7.90 24.82 -3.04
CA ARG A 128 -6.50 24.48 -3.22
C ARG A 128 -6.42 23.06 -3.76
N PHE A 129 -5.38 22.77 -4.54
CA PHE A 129 -5.25 21.47 -5.20
C PHE A 129 -4.01 20.69 -4.75
N VAL A 130 -4.20 19.40 -4.51
CA VAL A 130 -3.17 18.53 -3.96
C VAL A 130 -3.10 17.26 -4.80
N GLY A 131 -2.21 17.25 -5.78
CA GLY A 131 -1.97 16.07 -6.58
C GLY A 131 -1.16 15.07 -5.79
N VAL A 132 -1.48 13.79 -5.94
CA VAL A 132 -0.71 12.72 -5.30
C VAL A 132 -0.07 11.85 -6.37
N SER A 133 1.19 11.50 -6.18
CA SER A 133 1.97 10.80 -7.20
C SER A 133 2.72 9.60 -6.65
N ARG A 134 2.94 8.63 -7.53
CA ARG A 134 3.74 7.44 -7.22
C ARG A 134 5.23 7.85 -7.10
N PRO A 135 6.07 6.97 -6.51
CA PRO A 135 7.49 7.24 -6.27
C PRO A 135 8.33 7.78 -7.44
N GLY A 136 8.21 7.18 -8.62
CA GLY A 136 9.07 7.55 -9.76
C GLY A 136 8.56 8.68 -10.65
N TYR A 137 7.63 9.50 -10.15
CA TYR A 137 6.94 10.48 -10.99
C TYR A 137 7.83 11.60 -11.49
N GLU A 138 7.74 11.87 -12.79
CA GLU A 138 8.42 12.99 -13.43
C GLU A 138 7.40 13.75 -14.28
N LEU A 139 7.23 15.03 -14.00
CA LEU A 139 6.30 15.86 -14.77
C LEU A 139 6.78 16.03 -16.20
N ARG A 140 6.02 15.46 -17.14
CA ARG A 140 6.30 15.58 -18.57
C ARG A 140 5.32 16.49 -19.31
N ASN A 141 4.14 16.72 -18.73
CA ASN A 141 3.14 17.57 -19.36
C ASN A 141 3.55 19.03 -19.27
N GLU A 142 3.87 19.61 -20.42
CA GLU A 142 4.40 20.97 -20.49
C GLU A 142 3.33 22.03 -20.22
N HIS A 143 2.05 21.68 -20.42
CA HIS A 143 0.96 22.59 -20.07
C HIS A 143 0.95 22.87 -18.56
N ILE A 144 1.19 21.83 -17.78
CA ILE A 144 1.22 21.93 -16.32
C ILE A 144 2.46 22.70 -15.88
N THR A 145 3.60 22.36 -16.48
CA THR A 145 4.85 23.08 -16.22
C THR A 145 4.64 24.58 -16.43
N SER A 146 3.96 24.93 -17.52
CA SER A 146 3.58 26.31 -17.79
C SER A 146 2.63 26.83 -16.72
N LEU A 147 1.59 26.04 -16.46
CA LEU A 147 0.57 26.40 -15.48
C LEU A 147 1.17 26.71 -14.11
N LEU A 148 2.21 25.98 -13.73
CA LEU A 148 2.86 26.16 -12.43
C LEU A 148 3.40 27.58 -12.20
N GLY A 149 4.07 28.12 -13.22
CA GLY A 149 4.58 29.50 -13.16
C GLY A 149 3.49 30.51 -12.84
N GLN A 150 2.30 30.25 -13.38
CA GLN A 150 1.10 31.01 -13.03
C GLN A 150 0.61 30.42 -11.71
N LEU A 151 -0.18 31.17 -10.94
CA LEU A 151 -0.69 30.72 -9.62
C LEU A 151 0.19 31.25 -8.48
N LYS A 153 1.81 29.77 -4.73
CA LYS A 153 2.02 29.40 -3.33
C LYS A 153 0.74 29.69 -2.53
N ASP A 154 -0.05 28.67 -2.20
CA ASP A 154 0.13 27.27 -2.62
C ASP A 154 -1.18 26.81 -3.22
N ALA A 155 -1.41 27.19 -4.47
CA ALA A 155 -2.62 26.81 -5.19
C ALA A 155 -2.56 25.34 -5.59
N LEU A 156 -1.37 24.86 -5.92
CA LEU A 156 -1.19 23.52 -6.46
C LEU A 156 0.08 22.87 -5.90
N THR A 157 -0.11 21.79 -5.14
CA THR A 157 0.99 21.00 -4.57
C THR A 157 0.98 19.62 -5.20
N LEU A 158 2.15 18.98 -5.20
CA LEU A 158 2.22 17.56 -5.50
C LEU A 158 2.86 16.86 -4.32
N VAL A 159 2.28 15.74 -3.91
CA VAL A 159 2.77 14.97 -2.77
C VAL A 159 3.05 13.56 -3.22
N GLU A 160 4.28 13.10 -3.01
CA GLU A 160 4.64 11.74 -3.33
C GLU A 160 4.03 10.81 -2.27
N ILE A 161 3.41 9.72 -2.73
CA ILE A 161 2.86 8.70 -1.84
C ILE A 161 3.46 7.37 -2.27
N PRO A 162 4.39 6.82 -1.48
CA PRO A 162 5.00 5.54 -1.85
C PRO A 162 3.98 4.44 -2.14
N ALA A 163 2.90 4.38 -1.36
CA ALA A 163 1.83 3.42 -1.54
C ALA A 163 1.12 3.51 -2.89
N LEU A 164 1.16 4.65 -3.56
CA LEU A 164 0.53 4.76 -4.89
C LEU A 164 1.31 4.00 -5.95
N ALA A 165 2.41 3.36 -5.57
CA ALA A 165 3.01 2.31 -6.40
C ALA A 165 1.97 1.23 -6.69
N ILE A 166 1.06 1.02 -5.75
CA ILE A 166 -0.11 0.16 -5.98
C ILE A 166 -1.06 0.94 -6.89
N SER A 167 -1.54 0.31 -7.97
CA SER A 167 -2.41 1.00 -8.93
C SER A 167 -3.64 0.17 -9.25
N SER A 168 -4.72 0.85 -9.64
CA SER A 168 -5.94 0.20 -10.07
C SER A 168 -5.75 -0.69 -11.31
N THR A 169 -4.84 -0.28 -12.18
CA THR A 169 -4.55 -1.03 -13.42
C THR A 169 -3.94 -2.38 -13.10
N ASP A 170 -2.95 -2.41 -12.20
CA ASP A 170 -2.35 -3.66 -11.76
C ASP A 170 -3.38 -4.56 -11.09
N CYS A 171 -4.16 -4.01 -10.17
CA CYS A 171 -5.22 -4.76 -9.50
C CYS A 171 -6.20 -5.34 -10.53
N ARG A 172 -6.52 -4.55 -11.55
CA ARG A 172 -7.37 -5.02 -12.64
C ARG A 172 -6.73 -6.15 -13.45
N GLN A 173 -5.42 -6.04 -13.71
CA GLN A 173 -4.72 -7.10 -14.42
C GLN A 173 -4.59 -8.35 -13.56
N ARG A 174 -4.39 -8.16 -12.25
CA ARG A 174 -4.24 -9.28 -11.33
C ARG A 174 -5.55 -10.06 -11.17
N ALA A 175 -6.67 -9.35 -11.11
CA ALA A 175 -7.98 -9.99 -10.99
C ALA A 175 -8.32 -10.78 -12.26
N GLU A 176 -8.07 -10.17 -13.42
CA GLU A 176 -8.21 -10.87 -14.70
C GLU A 176 -7.39 -12.16 -14.71
N GLN A 177 -6.12 -12.08 -14.30
CA GLN A 177 -5.22 -13.24 -14.31
C GLN A 177 -5.38 -14.18 -13.09
N SER A 178 -6.47 -14.01 -12.33
CA SER A 178 -6.67 -14.76 -11.07
C SER A 178 -5.44 -14.74 -10.17
N ARG A 179 -4.80 -13.58 -10.07
CA ARG A 179 -3.68 -13.42 -9.15
C ARG A 179 -4.17 -12.71 -7.89
N PRO A 180 -3.65 -13.09 -6.72
CA PRO A 180 -4.22 -12.61 -5.46
C PRO A 180 -4.16 -11.08 -5.33
N LEU A 181 -5.26 -10.52 -4.86
CA LEU A 181 -5.40 -9.08 -4.59
C LEU A 181 -5.26 -8.80 -3.09
N TRP A 182 -4.99 -9.85 -2.30
CA TRP A 182 -4.90 -9.74 -0.85
C TRP A 182 -3.76 -8.80 -0.43
N TYR A 183 -4.09 -7.84 0.43
CA TYR A 183 -3.14 -6.89 1.02
C TYR A 183 -2.81 -5.71 0.11
N LEU A 184 -3.42 -5.67 -1.07
CA LEU A 184 -3.40 -4.49 -1.94
C LEU A 184 -4.59 -3.60 -1.67
N MET A 185 -5.58 -4.14 -0.99
CA MET A 185 -6.83 -3.44 -0.71
C MET A 185 -7.51 -4.16 0.45
N PRO A 186 -8.45 -3.48 1.13
CA PRO A 186 -9.17 -4.17 2.21
C PRO A 186 -9.84 -5.48 1.74
N ASP A 187 -9.93 -6.45 2.66
CA ASP A 187 -10.63 -7.74 2.41
C ASP A 187 -12.01 -7.56 1.78
N GLY A 188 -12.70 -6.49 2.15
CA GLY A 188 -14.05 -6.26 1.65
C GLY A 188 -14.06 -5.97 0.16
N VAL A 189 -13.06 -5.21 -0.29
CA VAL A 189 -12.98 -4.77 -1.69
C VAL A 189 -12.59 -5.95 -2.55
N VAL A 190 -11.51 -6.64 -2.17
CA VAL A 190 -11.09 -7.84 -2.90
C VAL A 190 -12.24 -8.82 -3.07
N GLN A 191 -13.02 -9.01 -2.01
CA GLN A 191 -14.09 -9.99 -2.06
C GLN A 191 -15.28 -9.46 -2.86
N TYR A 192 -15.51 -8.16 -2.81
CA TYR A 192 -16.52 -7.52 -3.66
C TYR A 192 -16.13 -7.64 -5.13
N VAL A 193 -14.85 -7.38 -5.42
CA VAL A 193 -14.32 -7.50 -6.77
C VAL A 193 -14.52 -8.93 -7.26
N SER A 194 -14.16 -9.89 -6.41
CA SER A 194 -14.30 -11.31 -6.70
C SER A 194 -15.77 -11.73 -6.90
N LYS A 195 -16.63 -11.36 -5.96
CA LYS A 195 -18.04 -11.74 -6.01
C LYS A 195 -18.75 -11.21 -7.24
N CYS A 196 -18.53 -9.94 -7.54
CA CYS A 196 -19.19 -9.28 -8.68
C CYS A 196 -18.46 -9.52 -10.01
N ARG A 197 -17.36 -10.29 -9.99
CA ARG A 197 -16.58 -10.59 -11.20
C ARG A 197 -16.33 -9.36 -12.06
N LEU A 198 -15.78 -8.31 -11.45
CA LEU A 198 -15.65 -7.01 -12.10
C LEU A 198 -14.63 -6.94 -13.23
N TYR A 199 -13.66 -7.86 -13.22
CA TYR A 199 -12.60 -7.88 -14.23
C TYR A 199 -12.31 -9.32 -14.69
N ARG B 5 5.99 -27.95 -0.74
CA ARG B 5 6.44 -26.56 -1.08
C ARG B 5 6.06 -25.55 0.01
N LEU B 6 7.07 -24.93 0.63
CA LEU B 6 6.89 -24.06 1.80
C LEU B 6 7.69 -22.77 1.69
N GLY B 7 7.00 -21.62 1.76
CA GLY B 7 7.68 -20.33 1.79
C GLY B 7 8.24 -20.04 3.16
N VAL B 8 9.45 -19.47 3.19
CA VAL B 8 10.09 -19.05 4.44
C VAL B 8 10.46 -17.57 4.31
N MET B 9 9.69 -16.71 4.98
CA MET B 9 9.80 -15.27 4.82
C MET B 9 10.55 -14.62 5.99
N GLY B 10 11.85 -14.40 5.83
CA GLY B 10 12.65 -13.66 6.82
C GLY B 10 12.80 -12.20 6.42
N GLY B 11 12.99 -11.27 7.36
CA GLY B 11 13.16 -11.56 8.77
C GLY B 11 12.83 -10.43 9.74
N THR B 12 13.34 -9.22 9.53
CA THR B 12 13.25 -8.19 10.58
C THR B 12 11.81 -7.92 11.07
N PHE B 13 10.96 -7.41 10.18
CA PHE B 13 9.58 -7.07 10.50
C PHE B 13 9.47 -6.07 11.66
N ASP B 14 10.05 -4.88 11.47
CA ASP B 14 10.12 -3.87 12.53
C ASP B 14 9.76 -2.48 12.00
N PRO B 15 8.54 -2.29 11.51
CA PRO B 15 7.43 -3.24 11.65
C PRO B 15 7.05 -3.95 10.37
N ILE B 16 6.25 -5.00 10.51
CA ILE B 16 5.63 -5.66 9.37
C ILE B 16 4.55 -4.73 8.79
N HIS B 17 4.32 -4.84 7.50
CA HIS B 17 3.43 -3.94 6.77
C HIS B 17 2.90 -4.62 5.51
N TYR B 18 1.98 -3.95 4.81
CA TYR B 18 1.33 -4.58 3.66
C TYR B 18 2.30 -5.00 2.56
N GLY B 19 3.35 -4.20 2.34
CA GLY B 19 4.46 -4.58 1.45
C GLY B 19 4.97 -5.99 1.66
N HIS B 20 5.28 -6.34 2.89
CA HIS B 20 5.73 -7.70 3.23
C HIS B 20 4.65 -8.72 2.94
N LEU B 21 3.42 -8.38 3.30
CA LEU B 21 2.30 -9.30 3.19
C LEU B 21 1.93 -9.51 1.72
N VAL B 22 1.91 -8.42 0.96
CA VAL B 22 1.72 -8.48 -0.48
C VAL B 22 2.80 -9.34 -1.11
N ALA B 23 4.05 -9.10 -0.71
CA ALA B 23 5.19 -9.83 -1.26
C ALA B 23 5.10 -11.32 -0.96
N ALA B 24 4.76 -11.67 0.27
CA ALA B 24 4.56 -13.07 0.64
C ALA B 24 3.43 -13.70 -0.20
N SER B 25 2.35 -12.96 -0.42
CA SER B 25 1.22 -13.47 -1.20
C SER B 25 1.61 -13.73 -2.64
N GLU B 26 2.32 -12.78 -3.24
CA GLU B 26 2.80 -12.89 -4.61
C GLU B 26 3.74 -14.08 -4.75
N VAL B 27 4.79 -14.12 -3.91
CA VAL B 27 5.76 -15.20 -3.96
C VAL B 27 5.07 -16.54 -3.75
N ALA B 28 4.00 -16.58 -2.94
CA ALA B 28 3.22 -17.79 -2.76
C ALA B 28 2.44 -18.17 -4.03
N ASP B 29 1.85 -17.18 -4.70
CA ASP B 29 1.12 -17.42 -5.94
C ASP B 29 2.06 -17.95 -7.03
N LEU B 30 3.12 -17.19 -7.30
CA LEU B 30 4.25 -17.69 -8.06
C LEU B 30 4.80 -18.83 -7.22
N PHE B 31 5.35 -19.86 -7.86
CA PHE B 31 5.90 -21.00 -7.13
C PHE B 31 4.86 -21.90 -6.44
N ASP B 32 3.58 -21.52 -6.50
CA ASP B 32 2.49 -22.33 -5.93
C ASP B 32 2.87 -22.92 -4.56
N LEU B 33 3.21 -22.03 -3.62
CA LEU B 33 3.56 -22.44 -2.27
C LEU B 33 2.30 -22.83 -1.50
N ASP B 34 2.39 -23.91 -0.74
CA ASP B 34 1.27 -24.43 0.02
C ASP B 34 1.03 -23.57 1.26
N GLU B 35 2.12 -23.03 1.80
CA GLU B 35 2.10 -22.25 3.02
C GLU B 35 3.30 -21.33 3.02
N VAL B 36 3.20 -20.20 3.72
CA VAL B 36 4.34 -19.32 3.94
C VAL B 36 4.55 -19.07 5.42
N VAL B 37 5.68 -19.53 5.95
CA VAL B 37 6.05 -19.25 7.33
C VAL B 37 6.87 -17.97 7.35
N PHE B 38 6.49 -17.05 8.23
CA PHE B 38 7.26 -15.84 8.47
C PHE B 38 8.20 -16.11 9.63
N VAL B 39 9.47 -15.71 9.50
CA VAL B 39 10.47 -15.94 10.54
C VAL B 39 11.18 -14.64 10.91
N PRO B 40 10.75 -14.02 12.03
CA PRO B 40 11.48 -12.88 12.59
C PRO B 40 12.93 -13.22 12.94
N SER B 41 13.87 -12.35 12.58
CA SER B 41 15.28 -12.61 12.84
C SER B 41 15.65 -12.25 14.28
N GLY B 42 16.70 -12.90 14.79
CA GLY B 42 17.27 -12.58 16.10
C GLY B 42 18.29 -11.46 16.01
N GLN B 43 18.60 -11.04 14.78
CA GLN B 43 19.56 -9.97 14.49
C GLN B 43 19.30 -8.71 15.31
N PRO B 44 20.20 -8.38 16.26
CA PRO B 44 20.03 -7.18 17.10
C PRO B 44 20.19 -5.83 16.40
N TRP B 45 20.85 -5.78 15.25
CA TRP B 45 21.05 -4.53 14.50
C TRP B 45 20.70 -4.67 13.03
N GLN B 46 20.13 -3.60 12.44
CA GLN B 46 20.01 -3.49 10.98
C GLN B 46 19.96 -2.05 10.50
N LYS B 47 20.85 -1.73 9.56
CA LYS B 47 20.77 -0.52 8.72
C LYS B 47 20.78 0.90 9.35
N GLY B 48 21.64 1.22 10.32
CA GLY B 48 22.35 0.30 11.19
C GLY B 48 21.85 0.65 12.58
N ARG B 49 20.56 0.42 12.81
CA ARG B 49 19.89 0.76 14.06
C ARG B 49 19.56 -0.51 14.84
N GLN B 50 19.37 -0.36 16.14
CA GLN B 50 18.99 -1.48 16.98
C GLN B 50 17.50 -1.77 16.79
N VAL B 51 17.18 -3.02 16.47
CA VAL B 51 15.79 -3.42 16.22
C VAL B 51 15.02 -3.56 17.52
N SER B 52 13.70 -3.38 17.43
CA SER B 52 12.79 -3.60 18.55
C SER B 52 12.92 -5.02 19.08
N ALA B 53 12.53 -5.22 20.33
CA ALA B 53 12.64 -6.50 21.00
C ALA B 53 12.07 -7.61 20.14
N ALA B 54 12.74 -8.75 20.12
CA ALA B 54 12.25 -9.92 19.38
C ALA B 54 10.74 -10.11 19.51
N GLU B 55 10.24 -10.06 20.75
CA GLU B 55 8.83 -10.34 21.03
C GLU B 55 7.88 -9.39 20.33
N HIS B 56 8.19 -8.08 20.37
CA HIS B 56 7.40 -7.08 19.66
C HIS B 56 7.27 -7.40 18.17
N ARG B 57 8.37 -7.82 17.56
CA ARG B 57 8.41 -8.09 16.12
C ARG B 57 7.70 -9.40 15.82
N TYR B 58 7.86 -10.37 16.72
CA TYR B 58 7.15 -11.64 16.61
C TYR B 58 5.62 -11.44 16.69
N LEU B 59 5.18 -10.66 17.67
CA LEU B 59 3.75 -10.51 17.93
C LEU B 59 3.10 -9.67 16.83
N MET B 60 3.76 -8.59 16.44
CA MET B 60 3.33 -7.81 15.28
C MET B 60 3.12 -8.68 14.07
N THR B 61 4.03 -9.63 13.88
CA THR B 61 3.98 -10.56 12.75
C THR B 61 2.86 -11.58 12.90
N VAL B 62 2.67 -12.11 14.11
CA VAL B 62 1.51 -12.94 14.38
C VAL B 62 0.21 -12.18 14.09
N ILE B 63 0.14 -10.94 14.56
CA ILE B 63 -1.06 -10.13 14.38
C ILE B 63 -1.39 -9.93 12.90
N ALA B 64 -0.37 -9.52 12.13
CA ALA B 64 -0.55 -9.22 10.71
C ALA B 64 -0.92 -10.45 9.88
N THR B 65 -0.46 -11.63 10.31
CA THR B 65 -0.63 -12.87 9.54
C THR B 65 -1.75 -13.79 10.03
N ALA B 66 -2.26 -13.54 11.24
CA ALA B 66 -3.28 -14.40 11.85
C ALA B 66 -4.44 -14.71 10.89
N SER B 67 -4.91 -13.72 10.14
CA SER B 67 -6.10 -13.88 9.32
C SER B 67 -5.88 -14.68 8.05
N ASN B 68 -4.63 -14.89 7.66
CA ASN B 68 -4.36 -15.65 6.46
C ASN B 68 -4.24 -17.13 6.81
N PRO B 69 -5.12 -17.96 6.24
CA PRO B 69 -5.10 -19.40 6.54
C PRO B 69 -3.81 -20.09 6.12
N ARG B 70 -3.08 -19.51 5.17
CA ARG B 70 -1.84 -20.12 4.68
C ARG B 70 -0.56 -19.39 5.11
N PHE B 71 -0.68 -18.42 6.02
CA PHE B 71 0.50 -17.91 6.71
C PHE B 71 0.62 -18.52 8.10
N SER B 72 1.78 -18.32 8.70
CA SER B 72 2.06 -18.72 10.08
C SER B 72 3.39 -18.07 10.47
N VAL B 73 3.72 -18.10 11.76
CA VAL B 73 4.95 -17.46 12.25
C VAL B 73 5.75 -18.47 13.08
N SER B 74 7.08 -18.39 12.98
CA SER B 74 7.98 -19.27 13.73
C SER B 74 8.92 -18.49 14.62
N ARG B 75 9.19 -19.04 15.80
CA ARG B 75 10.08 -18.41 16.77
C ARG B 75 11.52 -18.89 16.58
N VAL B 76 11.69 -19.89 15.72
CA VAL B 76 12.97 -20.55 15.48
C VAL B 76 14.21 -19.63 15.61
N ASP B 77 14.22 -18.53 14.86
CA ASP B 77 15.35 -17.58 14.89
C ASP B 77 15.41 -16.82 16.22
N ILE B 78 14.26 -16.39 16.72
CA ILE B 78 14.20 -15.68 18.00
C ILE B 78 14.73 -16.55 19.14
N ASP B 79 14.29 -17.80 19.19
CA ASP B 79 14.61 -18.71 20.29
C ASP B 79 16.07 -19.14 20.29
N ARG B 80 16.64 -19.32 19.10
CA ARG B 80 18.00 -19.82 18.97
C ARG B 80 19.02 -18.86 19.60
N GLY B 81 18.81 -17.56 19.40
CA GLY B 81 19.61 -16.53 20.07
C GLY B 81 20.90 -16.16 19.33
N GLY B 82 21.41 -14.98 19.64
CA GLY B 82 22.59 -14.44 18.96
C GLY B 82 22.19 -13.92 17.59
N PRO B 83 23.18 -13.72 16.69
CA PRO B 83 22.85 -13.36 15.33
C PRO B 83 22.28 -14.57 14.59
N THR B 84 21.45 -14.32 13.59
CA THR B 84 20.78 -15.38 12.84
C THR B 84 21.59 -15.78 11.61
N TYR B 85 21.82 -17.09 11.43
CA TYR B 85 22.41 -17.64 10.22
C TYR B 85 21.35 -18.43 9.46
N THR B 86 21.17 -18.09 8.18
CA THR B 86 20.15 -18.72 7.34
C THR B 86 20.30 -20.25 7.25
N LYS B 87 21.53 -20.73 7.38
CA LYS B 87 21.79 -22.17 7.43
C LYS B 87 21.03 -22.82 8.59
N ASP B 88 21.08 -22.19 9.76
CA ASP B 88 20.41 -22.69 10.96
C ASP B 88 18.88 -22.61 10.79
N THR B 89 18.40 -21.46 10.32
CA THR B 89 16.97 -21.27 9.99
C THR B 89 16.43 -22.39 9.12
N LEU B 90 17.08 -22.62 7.98
CA LEU B 90 16.64 -23.64 7.03
C LEU B 90 16.72 -25.06 7.60
N ALA B 91 17.74 -25.29 8.43
CA ALA B 91 17.93 -26.58 9.10
C ALA B 91 16.77 -26.90 10.05
N ASP B 92 16.41 -25.93 10.88
CA ASP B 92 15.30 -26.09 11.84
C ASP B 92 13.97 -26.35 11.13
N LEU B 93 13.66 -25.52 10.14
CA LEU B 93 12.40 -25.63 9.40
C LEU B 93 12.33 -26.88 8.52
N HIS B 94 13.47 -27.42 8.12
CA HIS B 94 13.49 -28.67 7.37
C HIS B 94 13.24 -29.85 8.31
N ALA B 95 13.91 -29.83 9.45
CA ALA B 95 13.61 -30.80 10.51
C ALA B 95 12.13 -30.74 10.89
N LEU B 96 11.60 -29.53 11.00
CA LEU B 96 10.19 -29.33 11.38
C LEU B 96 9.22 -29.69 10.26
N HIS B 97 9.64 -29.47 9.01
CA HIS B 97 8.84 -29.84 7.85
C HIS B 97 9.68 -30.66 6.86
N PRO B 98 9.85 -31.97 7.13
CA PRO B 98 10.62 -32.83 6.23
C PRO B 98 9.91 -33.08 4.90
N ASP B 99 8.58 -33.00 4.91
CA ASP B 99 7.76 -33.15 3.70
C ASP B 99 8.18 -32.21 2.56
N SER B 100 8.23 -30.91 2.83
CA SER B 100 8.29 -29.89 1.78
C SER B 100 9.69 -29.40 1.42
N GLU B 101 9.80 -28.80 0.23
CA GLU B 101 11.01 -28.12 -0.21
C GLU B 101 10.86 -26.62 0.01
N LEU B 102 11.91 -26.00 0.51
CA LEU B 102 11.83 -24.64 1.09
C LEU B 102 12.14 -23.55 0.06
N TYR B 103 11.43 -22.43 0.17
CA TYR B 103 11.66 -21.26 -0.67
C TYR B 103 11.94 -20.05 0.21
N PHE B 104 13.22 -19.83 0.49
CA PHE B 104 13.65 -18.75 1.38
C PHE B 104 13.44 -17.41 0.70
N THR B 105 12.48 -16.66 1.21
CA THR B 105 12.15 -15.36 0.67
C THR B 105 12.59 -14.31 1.67
N THR B 106 13.21 -13.24 1.18
CA THR B 106 13.58 -12.11 2.02
C THR B 106 13.87 -10.90 1.15
N GLY B 107 14.11 -9.76 1.79
CA GLY B 107 14.50 -8.56 1.08
C GLY B 107 15.70 -8.81 0.18
N ALA B 108 15.74 -8.13 -0.97
CA ALA B 108 16.78 -8.36 -1.95
C ALA B 108 18.15 -7.94 -1.43
N ASP B 109 18.21 -6.77 -0.78
CA ASP B 109 19.43 -6.30 -0.12
C ASP B 109 19.94 -7.36 0.86
N ALA B 110 19.06 -7.86 1.70
CA ALA B 110 19.41 -8.86 2.72
C ALA B 110 19.84 -10.18 2.09
N LEU B 111 19.21 -10.56 0.99
CA LEU B 111 19.60 -11.77 0.27
C LEU B 111 21.03 -11.66 -0.28
N ALA B 112 21.35 -10.51 -0.87
CA ALA B 112 22.70 -10.29 -1.40
C ALA B 112 23.73 -10.43 -0.28
N SER B 113 23.44 -9.81 0.86
CA SER B 113 24.31 -9.90 2.03
C SER B 113 24.48 -11.33 2.52
N ILE B 114 23.38 -12.08 2.57
CA ILE B 114 23.43 -13.49 3.02
C ILE B 114 24.35 -14.30 2.12
N MET B 115 24.17 -14.16 0.80
CA MET B 115 24.96 -14.93 -0.17
C MET B 115 26.42 -14.48 -0.16
N SER B 116 26.63 -13.19 0.03
CA SER B 116 27.98 -12.61 0.14
C SER B 116 28.80 -13.18 1.31
N TRP B 117 28.21 -13.25 2.51
CA TRP B 117 28.96 -13.63 3.72
C TRP B 117 28.77 -15.07 4.20
N GLN B 118 27.59 -15.64 3.97
CA GLN B 118 27.28 -16.99 4.45
C GLN B 118 27.60 -17.98 3.32
N GLY B 119 27.25 -19.25 3.51
CA GLY B 119 27.62 -20.30 2.53
C GLY B 119 27.45 -19.95 1.05
N TRP B 120 26.20 -19.79 0.64
CA TRP B 120 25.78 -19.55 -0.76
C TRP B 120 25.87 -20.81 -1.63
N GLU B 121 27.04 -21.44 -1.69
CA GLU B 121 27.13 -22.77 -2.31
C GLU B 121 26.39 -23.79 -1.46
N GLU B 122 26.70 -23.81 -0.17
CA GLU B 122 26.03 -24.69 0.79
C GLU B 122 24.57 -24.32 1.01
N LEU B 123 24.26 -23.02 0.90
CA LEU B 123 22.88 -22.54 1.09
C LEU B 123 21.93 -23.01 -0.01
N PHE B 124 22.40 -23.05 -1.25
CA PHE B 124 21.56 -23.52 -2.37
C PHE B 124 21.27 -25.02 -2.33
N GLU B 125 22.05 -25.78 -1.57
CA GLU B 125 21.79 -27.20 -1.37
C GLU B 125 20.51 -27.36 -0.57
N LEU B 126 20.30 -26.46 0.38
CA LEU B 126 19.24 -26.60 1.37
C LEU B 126 17.88 -26.08 0.92
N ALA B 127 17.86 -25.06 0.07
CA ALA B 127 16.61 -24.43 -0.33
C ALA B 127 16.75 -23.61 -1.60
N ARG B 128 15.62 -23.33 -2.24
CA ARG B 128 15.55 -22.35 -3.32
C ARG B 128 15.45 -20.97 -2.67
N PHE B 129 15.86 -19.93 -3.40
CA PHE B 129 15.92 -18.58 -2.85
C PHE B 129 15.21 -17.55 -3.72
N VAL B 130 14.56 -16.60 -3.05
CA VAL B 130 13.80 -15.54 -3.70
C VAL B 130 14.10 -14.20 -3.02
N GLY B 131 14.60 -13.25 -3.79
CA GLY B 131 14.80 -11.90 -3.31
C GLY B 131 13.67 -11.03 -3.79
N VAL B 132 12.97 -10.36 -2.87
CA VAL B 132 11.89 -9.47 -3.23
C VAL B 132 12.32 -8.02 -3.08
N SER B 133 11.86 -7.18 -3.99
CA SER B 133 12.20 -5.76 -3.94
C SER B 133 11.17 -4.91 -4.64
N ARG B 134 11.09 -3.66 -4.20
CA ARG B 134 10.46 -2.58 -4.94
C ARG B 134 10.98 -2.54 -6.39
N PRO B 135 10.15 -2.10 -7.36
CA PRO B 135 10.57 -2.05 -8.77
C PRO B 135 11.88 -1.29 -9.03
N GLY B 136 11.99 -0.06 -8.52
CA GLY B 136 13.21 0.74 -8.68
C GLY B 136 14.36 0.22 -7.84
N ALA B 155 18.39 -22.74 -7.62
CA ALA B 155 17.67 -21.66 -8.28
C ALA B 155 17.55 -20.45 -7.38
N LEU B 156 17.71 -19.27 -7.98
CA LEU B 156 17.50 -18.00 -7.31
C LEU B 156 16.67 -17.11 -8.23
N THR B 157 15.71 -16.38 -7.66
CA THR B 157 14.77 -15.58 -8.43
C THR B 157 14.58 -14.20 -7.79
N LEU B 158 14.57 -13.16 -8.61
CA LEU B 158 14.29 -11.81 -8.12
C LEU B 158 12.89 -11.40 -8.54
N VAL B 159 12.04 -11.11 -7.57
CA VAL B 159 10.68 -10.70 -7.83
C VAL B 159 10.48 -9.26 -7.38
N GLU B 160 9.92 -8.44 -8.26
CA GLU B 160 9.64 -7.05 -7.94
C GLU B 160 8.18 -6.87 -7.50
N ILE B 161 8.01 -6.22 -6.35
CA ILE B 161 6.70 -6.00 -5.73
C ILE B 161 6.47 -4.49 -5.60
N PRO B 162 5.53 -3.94 -6.38
CA PRO B 162 5.19 -2.52 -6.25
C PRO B 162 4.82 -2.09 -4.82
N ALA B 163 4.14 -2.98 -4.10
CA ALA B 163 3.75 -2.72 -2.72
C ALA B 163 4.94 -2.49 -1.78
N LEU B 164 6.12 -3.01 -2.10
CA LEU B 164 7.31 -2.79 -1.25
C LEU B 164 7.89 -1.37 -1.29
N ALA B 165 7.24 -0.46 -2.00
CA ALA B 165 7.49 0.98 -1.82
C ALA B 165 7.09 1.43 -0.43
N ILE B 166 6.14 0.72 0.17
CA ILE B 166 5.89 0.85 1.59
C ILE B 166 7.07 0.20 2.29
N SER B 167 7.69 0.90 3.23
CA SER B 167 8.93 0.43 3.86
C SER B 167 8.89 0.58 5.36
N SER B 168 9.53 -0.35 6.05
CA SER B 168 9.60 -0.32 7.50
C SER B 168 10.19 0.98 8.02
N THR B 169 11.16 1.54 7.29
CA THR B 169 11.85 2.77 7.72
C THR B 169 10.92 3.98 7.61
N ASP B 170 10.13 4.05 6.54
CA ASP B 170 9.08 5.06 6.42
C ASP B 170 8.09 4.95 7.58
N CYS B 171 7.65 3.72 7.87
CA CYS B 171 6.72 3.49 8.98
C CYS B 171 7.31 3.97 10.29
N ARG B 172 8.54 3.54 10.55
CA ARG B 172 9.29 3.96 11.74
C ARG B 172 9.39 5.47 11.86
N GLN B 173 9.78 6.13 10.77
CA GLN B 173 9.84 7.60 10.74
C GLN B 173 8.48 8.24 10.99
N ARG B 174 7.43 7.69 10.38
CA ARG B 174 6.09 8.24 10.53
C ARG B 174 5.59 8.10 11.96
N ALA B 175 5.93 6.99 12.60
CA ALA B 175 5.61 6.75 13.99
C ALA B 175 6.28 7.77 14.92
N GLU B 176 7.53 8.13 14.61
CA GLU B 176 8.27 9.10 15.41
C GLU B 176 7.69 10.50 15.31
N GLN B 177 7.26 10.87 14.11
CA GLN B 177 6.66 12.19 13.85
C GLN B 177 5.15 12.25 14.15
N SER B 178 4.61 11.24 14.82
CA SER B 178 3.17 11.12 15.09
C SER B 178 2.31 11.17 13.82
N ARG B 179 2.85 10.67 12.71
CA ARG B 179 2.13 10.67 11.44
C ARG B 179 1.44 9.32 11.25
N PRO B 180 0.21 9.33 10.70
CA PRO B 180 -0.63 8.14 10.64
C PRO B 180 -0.03 6.98 9.84
N LEU B 181 -0.22 5.76 10.34
CA LEU B 181 0.27 4.55 9.69
C LEU B 181 -0.87 3.73 9.08
N TRP B 182 -2.08 4.28 9.11
CA TRP B 182 -3.25 3.57 8.61
C TRP B 182 -3.08 3.29 7.13
N TYR B 183 -3.39 2.06 6.72
CA TYR B 183 -3.38 1.61 5.32
C TYR B 183 -1.99 1.26 4.80
N LEU B 184 -0.99 1.37 5.66
CA LEU B 184 0.34 0.86 5.37
C LEU B 184 0.51 -0.54 5.93
N MET B 185 -0.24 -0.83 6.99
CA MET B 185 -0.17 -2.11 7.66
C MET B 185 -1.55 -2.38 8.25
N PRO B 186 -1.82 -3.61 8.72
CA PRO B 186 -3.14 -3.85 9.32
C PRO B 186 -3.40 -2.97 10.56
N ASP B 187 -4.67 -2.79 10.92
CA ASP B 187 -5.06 -2.03 12.11
C ASP B 187 -4.40 -2.55 13.38
N GLY B 188 -4.27 -3.88 13.48
CA GLY B 188 -3.67 -4.52 14.65
C GLY B 188 -2.22 -4.18 14.89
N VAL B 189 -1.48 -3.91 13.80
CA VAL B 189 -0.07 -3.52 13.87
C VAL B 189 0.03 -2.02 14.16
N VAL B 190 -0.71 -1.21 13.41
CA VAL B 190 -0.73 0.24 13.66
C VAL B 190 -0.93 0.48 15.14
N GLN B 191 -1.89 -0.24 15.72
CA GLN B 191 -2.27 -0.05 17.12
C GLN B 191 -1.27 -0.68 18.09
N TYR B 192 -0.72 -1.85 17.74
CA TYR B 192 0.33 -2.45 18.55
C TYR B 192 1.53 -1.51 18.69
N VAL B 193 1.91 -0.89 17.58
CA VAL B 193 3.03 0.04 17.52
C VAL B 193 2.75 1.27 18.37
N SER B 194 1.53 1.78 18.27
CA SER B 194 1.11 2.92 19.07
C SER B 194 1.15 2.57 20.55
N LYS B 195 0.47 1.49 20.93
CA LYS B 195 0.36 1.08 22.35
C LYS B 195 1.70 0.75 23.01
N CYS B 196 2.59 0.11 22.26
CA CYS B 196 3.90 -0.26 22.79
C CYS B 196 4.95 0.84 22.61
N ARG B 197 4.55 1.94 21.96
CA ARG B 197 5.40 3.12 21.76
C ARG B 197 6.77 2.73 21.20
N LEU B 198 6.74 1.98 20.12
CA LEU B 198 7.93 1.34 19.57
C LEU B 198 8.93 2.29 18.93
N TYR B 199 8.44 3.35 18.28
CA TYR B 199 9.32 4.26 17.53
C TYR B 199 9.04 5.72 17.87
S SO4 C . 13.13 -4.29 5.95
O1 SO4 C . 11.82 -4.06 5.28
O2 SO4 C . 13.09 -5.58 6.69
O3 SO4 C . 13.43 -3.17 6.88
O4 SO4 C . 14.19 -4.36 4.92
O1 MES D . -8.87 4.52 11.63
C2 MES D . -9.91 3.57 11.86
C3 MES D . -9.53 2.23 11.25
N4 MES D . -9.27 2.35 9.80
C5 MES D . -8.31 3.45 9.52
C6 MES D . -8.68 4.74 10.24
C7 MES D . -8.72 1.05 9.34
C8 MES D . -8.55 0.96 7.83
S MES D . -8.25 -0.59 7.25
O1S MES D . -9.03 -0.86 6.03
O2S MES D . -8.65 -1.60 8.26
O3S MES D . -6.81 -0.71 6.92
#